data_5TR6
#
_entry.id   5TR6
#
_cell.length_a   39.941
_cell.length_b   85.283
_cell.length_c   90.283
_cell.angle_alpha   90.000
_cell.angle_beta   90.000
_cell.angle_gamma   90.000
#
_symmetry.space_group_name_H-M   'P 21 21 21'
#
loop_
_entity.id
_entity.type
_entity.pdbx_description
1 polymer 'Tyrosine-protein kinase SYK'
2 non-polymer 6-{[(1R,2S)-2-aminocyclohexyl]amino}-7-fluoro-4-(1-methyl-1H-pyrazol-4-yl)-1,2-dihydro-3H-pyrrolo[3,4-c]pyridin-3-one
3 non-polymer 1,2-ETHANEDIOL
4 water water
#
_entity_poly.entity_id   1
_entity_poly.type   'polypeptide(L)'
_entity_poly.pdbx_seq_one_letter_code
;MALEEIRPKEVYLDRKLLTLEDKELGSGNFGTVKKGYYQMKKVVKTVAVKILKNEANDPALKDELLAEANVMQQLDNPYI
VRMIGICEAESWMLVMEMAELGPLNKYLQQNRHVKDKNIIELVHQVSMGMKYLEESNFVHRDLAARNVLLVTQHYAKISD
FGLSKALRADENYYKAQTHGKWPVKWYAPECINYYKFSSKSDVWSFGVLMWEAFSYGQKPYRGMKGSEVTAMLEKGERMG
CPAGCPREMYDLMNLCWTYDVENRPGFAAVELRLRNYYYDVVNHHHHHH
;
_entity_poly.pdbx_strand_id   A
#
# COMPACT_ATOMS: atom_id res chain seq x y z
N GLU A 10 24.01 5.24 12.59
CA GLU A 10 23.28 6.00 11.53
C GLU A 10 21.76 5.96 11.78
N VAL A 11 21.17 4.76 11.63
CA VAL A 11 19.76 4.50 11.91
C VAL A 11 19.59 3.32 12.88
N TYR A 12 20.61 3.08 13.71
CA TYR A 12 20.59 2.01 14.71
C TYR A 12 20.17 2.57 16.05
N LEU A 13 19.05 2.08 16.57
CA LEU A 13 18.44 2.60 17.78
C LEU A 13 18.96 1.89 19.01
N ASP A 14 18.71 2.52 20.16
CA ASP A 14 19.11 1.99 21.46
C ASP A 14 17.93 1.20 22.04
N ARG A 15 18.15 -0.10 22.28
CA ARG A 15 17.12 -0.97 22.87
C ARG A 15 16.63 -0.47 24.23
N LYS A 16 17.51 0.13 25.01
CA LYS A 16 17.16 0.74 26.30
C LYS A 16 16.09 1.82 26.19
N LEU A 17 16.08 2.56 25.09
CA LEU A 17 15.11 3.62 24.83
C LEU A 17 13.78 3.12 24.24
N LEU A 18 13.69 1.83 23.92
CA LEU A 18 12.50 1.22 23.34
C LEU A 18 11.76 0.41 24.40
N THR A 19 10.45 0.67 24.55
CA THR A 19 9.57 -0.14 25.39
C THR A 19 8.51 -0.76 24.49
N LEU A 20 8.44 -2.10 24.45
CA LEU A 20 7.45 -2.82 23.65
C LEU A 20 6.25 -3.21 24.49
N GLU A 21 5.08 -3.22 23.85
CA GLU A 21 3.84 -3.64 24.48
C GLU A 21 3.57 -5.09 24.09
N ASP A 22 2.82 -5.81 24.92
CA ASP A 22 2.60 -7.25 24.72
C ASP A 22 1.67 -7.57 23.54
N LYS A 23 0.56 -6.85 23.43
CA LYS A 23 -0.48 -7.17 22.44
C LYS A 23 0.01 -6.91 21.02
N GLU A 24 -0.31 -7.86 20.12
CA GLU A 24 0.09 -7.78 18.72
C GLU A 24 -0.91 -6.96 17.91
N LEU A 25 -0.38 -6.08 17.06
CA LEU A 25 -1.18 -5.31 16.10
C LEU A 25 -1.45 -6.12 14.83
N GLY A 26 -0.44 -6.87 14.38
CA GLY A 26 -0.56 -7.71 13.20
C GLY A 26 0.43 -8.87 13.24
N SER A 27 0.39 -9.71 12.21
CA SER A 27 1.28 -10.86 12.11
C SER A 27 1.42 -11.39 10.69
N GLY A 28 2.33 -12.35 10.50
CA GLY A 28 2.53 -12.99 9.20
C GLY A 28 3.67 -13.99 9.22
N ASN A 29 4.28 -14.18 8.05
CA ASN A 29 5.43 -15.09 7.92
C ASN A 29 6.67 -14.50 8.59
N PHE A 30 6.89 -13.21 8.36
CA PHE A 30 7.96 -12.43 9.01
C PHE A 30 7.98 -12.57 10.53
N GLY A 31 6.80 -12.45 11.15
CA GLY A 31 6.66 -12.39 12.61
C GLY A 31 5.48 -11.50 12.94
N THR A 32 5.68 -10.52 13.84
CA THR A 32 4.58 -9.69 14.35
C THR A 32 4.87 -8.19 14.27
N VAL A 33 3.80 -7.41 14.34
CA VAL A 33 3.87 -5.96 14.48
C VAL A 33 3.28 -5.65 15.84
N LYS A 34 4.04 -4.93 16.66
CA LYS A 34 3.63 -4.57 18.02
C LYS A 34 3.79 -3.08 18.26
N LYS A 35 2.93 -2.55 19.13
CA LYS A 35 3.02 -1.15 19.56
C LYS A 35 4.20 -1.00 20.53
N GLY A 36 4.90 0.14 20.41
CA GLY A 36 5.98 0.48 21.31
C GLY A 36 6.08 1.97 21.56
N TYR A 37 7.08 2.34 22.34
CA TYR A 37 7.36 3.72 22.69
C TYR A 37 8.86 3.92 22.60
N TYR A 38 9.29 4.95 21.87
CA TYR A 38 10.72 5.29 21.79
C TYR A 38 11.00 6.65 22.43
N GLN A 39 11.92 6.67 23.39
CA GLN A 39 12.35 7.90 24.05
C GLN A 39 13.21 8.72 23.09
N MET A 40 12.66 9.83 22.60
CA MET A 40 13.35 10.69 21.62
C MET A 40 14.22 11.73 22.33
N LYS A 41 14.87 12.56 21.52
CA LYS A 41 15.43 13.87 21.94
C LYS A 41 14.92 14.36 23.31
N LYS A 42 13.59 14.43 23.45
CA LYS A 42 12.93 15.03 24.61
C LYS A 42 11.57 14.36 24.89
N VAL A 43 10.72 14.32 23.87
CA VAL A 43 9.42 13.63 23.92
C VAL A 43 9.55 12.10 23.85
N VAL A 44 8.47 11.40 24.14
CA VAL A 44 8.35 9.96 23.85
C VAL A 44 7.46 9.79 22.61
N LYS A 45 7.91 8.98 21.65
CA LYS A 45 7.19 8.75 20.41
C LYS A 45 6.60 7.34 20.41
N THR A 46 5.28 7.26 20.20
CA THR A 46 4.60 5.98 19.99
C THR A 46 4.99 5.43 18.62
N VAL A 47 5.34 4.14 18.58
CA VAL A 47 5.86 3.51 17.36
C VAL A 47 5.18 2.16 17.09
N ALA A 48 5.30 1.71 15.84
CA ALA A 48 4.91 0.38 15.44
C ALA A 48 6.20 -0.36 15.10
N VAL A 49 6.36 -1.55 15.66
CA VAL A 49 7.61 -2.28 15.57
C VAL A 49 7.36 -3.63 14.93
N LYS A 50 8.04 -3.89 13.80
CA LYS A 50 8.01 -5.20 13.16
C LYS A 50 9.10 -6.06 13.77
N ILE A 51 8.73 -7.22 14.30
CA ILE A 51 9.63 -8.11 15.02
C ILE A 51 9.68 -9.45 14.28
N LEU A 52 10.88 -9.99 14.07
CA LEU A 52 11.04 -11.26 13.34
C LEU A 52 10.80 -12.48 14.23
N PRO A 59 17.70 -16.70 8.35
CA PRO A 59 18.67 -15.97 7.51
C PRO A 59 18.01 -15.11 6.42
N ALA A 60 17.06 -15.69 5.69
CA ALA A 60 16.38 -14.99 4.60
C ALA A 60 15.51 -13.83 5.09
N LEU A 61 14.93 -13.95 6.29
CA LEU A 61 14.07 -12.91 6.87
C LEU A 61 14.87 -11.67 7.30
N LYS A 62 16.05 -11.90 7.88
CA LYS A 62 16.97 -10.82 8.29
C LYS A 62 17.31 -9.91 7.11
N ASP A 63 17.77 -10.51 6.02
CA ASP A 63 18.12 -9.77 4.81
C ASP A 63 16.91 -9.03 4.20
N GLU A 64 15.75 -9.68 4.26
CA GLU A 64 14.48 -9.06 3.84
C GLU A 64 14.10 -7.85 4.70
N LEU A 65 14.26 -7.96 6.01
CA LEU A 65 13.95 -6.85 6.92
C LEU A 65 14.93 -5.69 6.72
N LEU A 66 16.21 -5.99 6.58
CA LEU A 66 17.25 -4.99 6.27
C LEU A 66 16.98 -4.29 4.95
N ALA A 67 16.59 -5.06 3.94
CA ALA A 67 16.23 -4.52 2.62
C ALA A 67 15.02 -3.59 2.70
N GLU A 68 13.99 -4.02 3.45
CA GLU A 68 12.80 -3.20 3.71
C GLU A 68 13.16 -1.88 4.39
N ALA A 69 13.98 -1.98 5.44
CA ALA A 69 14.49 -0.80 6.15
C ALA A 69 15.27 0.12 5.21
N ASN A 70 16.12 -0.48 4.38
CA ASN A 70 16.90 0.29 3.42
C ASN A 70 16.04 1.05 2.40
N VAL A 71 14.94 0.44 1.96
CA VAL A 71 13.99 1.15 1.09
C VAL A 71 13.34 2.32 1.83
N MET A 72 12.83 2.05 3.03
CA MET A 72 12.10 3.05 3.81
C MET A 72 12.95 4.27 4.17
N GLN A 73 14.21 4.02 4.49
CA GLN A 73 15.22 5.06 4.74
C GLN A 73 15.34 6.08 3.61
N GLN A 74 15.16 5.65 2.37
CA GLN A 74 15.31 6.51 1.20
C GLN A 74 14.09 7.37 0.87
N LEU A 75 12.93 7.04 1.45
CA LEU A 75 11.68 7.71 1.12
C LEU A 75 11.35 8.80 2.13
N ASP A 76 10.87 9.93 1.63
CA ASP A 76 10.54 11.11 2.44
C ASP A 76 9.28 11.74 1.85
N ASN A 77 8.12 11.40 2.41
CA ASN A 77 6.83 11.85 1.90
C ASN A 77 5.75 11.77 3.00
N PRO A 78 4.87 12.78 3.10
CA PRO A 78 3.78 12.76 4.10
C PRO A 78 2.84 11.55 4.03
N TYR A 79 2.69 10.95 2.86
CA TYR A 79 1.76 9.84 2.66
C TYR A 79 2.45 8.48 2.61
N ILE A 80 3.66 8.42 3.15
CA ILE A 80 4.40 7.17 3.30
C ILE A 80 4.84 7.05 4.75
N VAL A 81 4.69 5.85 5.33
CA VAL A 81 5.11 5.57 6.70
C VAL A 81 6.64 5.77 6.79
N ARG A 82 7.08 6.54 7.77
CA ARG A 82 8.52 6.79 7.97
C ARG A 82 9.09 5.73 8.90
N MET A 83 10.30 5.29 8.58
CA MET A 83 11.08 4.45 9.48
C MET A 83 11.75 5.35 10.51
N ILE A 84 11.72 4.93 11.78
CA ILE A 84 12.47 5.58 12.85
C ILE A 84 13.89 5.02 12.86
N GLY A 85 14.01 3.71 12.82
CA GLY A 85 15.30 3.04 12.80
C GLY A 85 15.16 1.53 12.94
N ILE A 86 16.30 0.87 13.12
CA ILE A 86 16.35 -0.57 13.33
C ILE A 86 17.08 -0.88 14.62
N CYS A 87 16.82 -2.06 15.18
CA CYS A 87 17.44 -2.49 16.42
C CYS A 87 17.62 -4.01 16.43
N GLU A 88 18.80 -4.47 16.85
CA GLU A 88 19.08 -5.89 17.01
C GLU A 88 19.13 -6.21 18.49
N ALA A 89 18.08 -6.87 18.99
CA ALA A 89 18.01 -7.28 20.39
C ALA A 89 17.61 -8.77 20.45
N GLU A 90 16.63 -9.15 21.28
CA GLU A 90 16.08 -10.52 21.27
C GLU A 90 15.74 -11.02 19.86
N SER A 91 15.30 -10.10 19.00
CA SER A 91 15.13 -10.33 17.58
C SER A 91 15.50 -9.06 16.82
N TRP A 92 15.63 -9.15 15.50
CA TRP A 92 15.78 -7.95 14.66
C TRP A 92 14.44 -7.21 14.63
N MET A 93 14.49 -5.89 14.78
CA MET A 93 13.29 -5.05 14.84
C MET A 93 13.38 -3.85 13.91
N LEU A 94 12.27 -3.56 13.23
CA LEU A 94 12.14 -2.40 12.36
C LEU A 94 11.13 -1.44 13.00
N VAL A 95 11.61 -0.30 13.49
CA VAL A 95 10.78 0.67 14.22
C VAL A 95 10.27 1.74 13.25
N MET A 96 8.95 1.90 13.20
CA MET A 96 8.26 2.82 12.29
C MET A 96 7.28 3.73 13.03
N GLU A 97 6.84 4.80 12.36
CA GLU A 97 5.75 5.64 12.85
C GLU A 97 4.50 4.78 13.10
N MET A 98 3.74 5.17 14.11
CA MET A 98 2.47 4.52 14.46
C MET A 98 1.31 5.17 13.69
N ALA A 99 0.46 4.35 13.08
CA ALA A 99 -0.79 4.80 12.48
C ALA A 99 -1.91 4.17 13.31
N GLU A 100 -2.43 4.94 14.25
CA GLU A 100 -3.30 4.44 15.33
C GLU A 100 -4.60 3.79 14.89
N LEU A 101 -5.19 4.27 13.80
CA LEU A 101 -6.46 3.71 13.33
C LEU A 101 -6.28 2.45 12.50
N GLY A 102 -5.06 2.15 12.08
CA GLY A 102 -4.72 0.86 11.51
C GLY A 102 -5.08 0.69 10.04
N PRO A 103 -5.07 -0.56 9.54
CA PRO A 103 -5.28 -0.85 8.13
C PRO A 103 -6.63 -0.34 7.61
N LEU A 104 -6.60 0.24 6.42
CA LEU A 104 -7.80 0.82 5.79
C LEU A 104 -8.92 -0.20 5.59
N ASN A 105 -8.58 -1.43 5.19
CA ASN A 105 -9.60 -2.45 4.96
C ASN A 105 -10.38 -2.79 6.24
N LYS A 106 -9.66 -3.00 7.35
CA LYS A 106 -10.28 -3.29 8.65
C LYS A 106 -11.07 -2.11 9.17
N TYR A 107 -10.54 -0.90 8.99
CA TYR A 107 -11.24 0.31 9.42
C TYR A 107 -12.61 0.47 8.74
N LEU A 108 -12.62 0.32 7.41
CA LEU A 108 -13.88 0.43 6.64
C LEU A 108 -14.86 -0.72 6.90
N GLN A 109 -14.34 -1.93 7.12
CA GLN A 109 -15.18 -3.03 7.60
C GLN A 109 -15.93 -2.68 8.89
N GLN A 110 -15.24 -2.00 9.80
CA GLN A 110 -15.81 -1.62 11.11
C GLN A 110 -16.49 -0.25 11.15
N ASN A 111 -16.34 0.55 10.09
CA ASN A 111 -16.92 1.89 10.01
C ASN A 111 -17.61 2.13 8.66
N ARG A 112 -18.80 1.54 8.51
CA ARG A 112 -19.54 1.54 7.24
C ARG A 112 -20.27 2.86 6.97
N HIS A 113 -20.43 3.67 8.02
CA HIS A 113 -20.92 5.05 7.92
C HIS A 113 -19.97 6.04 7.21
N VAL A 114 -18.72 5.65 6.91
CA VAL A 114 -17.75 6.56 6.29
C VAL A 114 -18.27 6.98 4.90
N LYS A 115 -18.20 8.28 4.61
CA LYS A 115 -18.80 8.86 3.40
C LYS A 115 -17.90 8.74 2.18
N ASP A 116 -18.53 8.81 0.99
CA ASP A 116 -17.82 8.77 -0.30
C ASP A 116 -16.69 9.77 -0.39
N LYS A 117 -16.99 11.03 -0.03
CA LYS A 117 -16.01 12.11 -0.05
C LYS A 117 -14.77 11.75 0.77
N ASN A 118 -15.00 11.16 1.94
CA ASN A 118 -13.93 10.71 2.84
C ASN A 118 -13.10 9.60 2.20
N ILE A 119 -13.74 8.65 1.53
CA ILE A 119 -13.01 7.57 0.85
C ILE A 119 -12.18 8.15 -0.31
N ILE A 120 -12.75 9.07 -1.07
CA ILE A 120 -12.03 9.70 -2.19
C ILE A 120 -10.80 10.46 -1.70
N GLU A 121 -10.97 11.19 -0.59
CA GLU A 121 -9.88 11.88 0.08
C GLU A 121 -8.71 10.94 0.40
N LEU A 122 -9.03 9.81 1.00
CA LEU A 122 -8.02 8.83 1.42
C LEU A 122 -7.32 8.14 0.24
N VAL A 123 -8.07 7.70 -0.76
CA VAL A 123 -7.45 7.09 -1.94
C VAL A 123 -6.63 8.13 -2.74
N HIS A 124 -7.05 9.39 -2.72
CA HIS A 124 -6.25 10.44 -3.34
C HIS A 124 -4.90 10.62 -2.65
N GLN A 125 -4.88 10.52 -1.31
CA GLN A 125 -3.64 10.59 -0.55
C GLN A 125 -2.71 9.44 -0.89
N VAL A 126 -3.27 8.25 -1.06
CA VAL A 126 -2.50 7.10 -1.54
C VAL A 126 -1.90 7.39 -2.93
N SER A 127 -2.70 7.97 -3.83
CA SER A 127 -2.22 8.32 -5.18
C SER A 127 -1.06 9.34 -5.15
N MET A 128 -1.10 10.28 -4.20
CA MET A 128 0.01 11.22 -4.00
C MET A 128 1.27 10.53 -3.51
N GLY A 129 1.13 9.60 -2.55
CA GLY A 129 2.25 8.78 -2.10
C GLY A 129 2.86 7.94 -3.23
N MET A 130 2.00 7.32 -4.02
CA MET A 130 2.45 6.49 -5.15
C MET A 130 3.06 7.31 -6.28
N LYS A 131 2.57 8.53 -6.51
CA LYS A 131 3.17 9.44 -7.47
C LYS A 131 4.62 9.75 -7.11
N TYR A 132 4.84 10.04 -5.82
CA TYR A 132 6.19 10.22 -5.29
C TYR A 132 7.05 8.97 -5.45
N LEU A 133 6.49 7.81 -5.13
CA LEU A 133 7.19 6.53 -5.26
C LEU A 133 7.61 6.27 -6.71
N GLU A 134 6.69 6.53 -7.63
CA GLU A 134 6.95 6.45 -9.07
C GLU A 134 8.07 7.39 -9.53
N GLU A 135 8.01 8.64 -9.09
CA GLU A 135 9.07 9.63 -9.37
C GLU A 135 10.42 9.22 -8.79
N SER A 136 10.38 8.52 -7.65
CA SER A 136 11.57 7.98 -7.00
C SER A 136 12.10 6.67 -7.61
N ASN A 137 11.38 6.11 -8.60
CA ASN A 137 11.72 4.84 -9.23
C ASN A 137 11.85 3.66 -8.24
N PHE A 138 10.85 3.56 -7.37
CA PHE A 138 10.64 2.39 -6.53
C PHE A 138 9.30 1.78 -6.94
N VAL A 139 9.22 0.47 -6.86
CA VAL A 139 7.97 -0.26 -7.05
C VAL A 139 7.59 -0.85 -5.69
N HIS A 140 6.32 -0.72 -5.31
CA HIS A 140 5.83 -1.19 -4.02
C HIS A 140 5.63 -2.71 -4.01
N ARG A 141 4.90 -3.22 -5.01
CA ARG A 141 4.64 -4.66 -5.22
C ARG A 141 3.73 -5.34 -4.19
N ASP A 142 3.02 -4.55 -3.38
CA ASP A 142 2.06 -5.09 -2.41
C ASP A 142 1.07 -4.02 -2.02
N LEU A 143 0.59 -3.27 -3.02
CA LEU A 143 -0.26 -2.12 -2.77
C LEU A 143 -1.69 -2.64 -2.66
N ALA A 144 -2.17 -2.71 -1.42
CA ALA A 144 -3.50 -3.23 -1.11
C ALA A 144 -4.05 -2.44 0.07
N ALA A 145 -5.35 -2.52 0.31
CA ALA A 145 -5.98 -1.77 1.40
C ALA A 145 -5.43 -2.16 2.78
N ARG A 146 -5.00 -3.42 2.95
CA ARG A 146 -4.32 -3.87 4.17
C ARG A 146 -2.99 -3.13 4.46
N ASN A 147 -2.42 -2.50 3.43
CA ASN A 147 -1.14 -1.78 3.54
C ASN A 147 -1.26 -0.25 3.38
N VAL A 148 -2.49 0.25 3.49
CA VAL A 148 -2.74 1.65 3.70
C VAL A 148 -3.17 1.78 5.16
N LEU A 149 -2.43 2.57 5.91
CA LEU A 149 -2.71 2.77 7.33
C LEU A 149 -3.26 4.16 7.57
N LEU A 150 -4.18 4.25 8.53
CA LEU A 150 -4.82 5.52 8.87
C LEU A 150 -4.22 6.12 10.15
N VAL A 151 -3.62 7.30 10.00
CA VAL A 151 -3.17 8.10 11.14
C VAL A 151 -4.42 8.73 11.78
N THR A 152 -5.28 9.30 10.95
CA THR A 152 -6.61 9.75 11.36
C THR A 152 -7.60 9.27 10.29
N GLN A 153 -8.88 9.57 10.52
CA GLN A 153 -9.92 9.29 9.54
C GLN A 153 -9.73 10.05 8.21
N HIS A 154 -8.93 11.11 8.22
CA HIS A 154 -8.65 11.94 7.06
C HIS A 154 -7.16 11.97 6.70
N TYR A 155 -6.40 10.95 7.12
CA TYR A 155 -4.97 10.91 6.83
C TYR A 155 -4.46 9.49 6.68
N ALA A 156 -4.23 9.10 5.43
CA ALA A 156 -3.72 7.77 5.08
C ALA A 156 -2.22 7.82 4.75
N LYS A 157 -1.53 6.73 5.05
CA LYS A 157 -0.12 6.52 4.67
C LYS A 157 0.07 5.11 4.11
N ILE A 158 0.95 5.00 3.13
CA ILE A 158 1.32 3.72 2.54
C ILE A 158 2.37 3.03 3.41
N SER A 159 2.19 1.73 3.62
CA SER A 159 3.00 0.94 4.52
C SER A 159 3.47 -0.36 3.86
N ASP A 160 4.23 -1.16 4.62
CA ASP A 160 4.60 -2.54 4.28
C ASP A 160 5.37 -2.68 2.96
N PHE A 161 6.64 -2.28 3.03
CA PHE A 161 7.54 -2.22 1.90
C PHE A 161 8.43 -3.46 1.76
N GLY A 162 8.00 -4.60 2.33
CA GLY A 162 8.80 -5.82 2.35
C GLY A 162 9.02 -6.46 0.99
N LEU A 163 8.10 -6.24 0.05
CA LEU A 163 8.27 -6.70 -1.34
C LEU A 163 8.78 -5.62 -2.29
N SER A 164 9.08 -4.43 -1.79
CA SER A 164 9.42 -3.28 -2.64
CA SER A 164 9.41 -3.29 -2.65
C SER A 164 10.83 -3.35 -3.21
N LYS A 165 11.03 -2.72 -4.35
CA LYS A 165 12.31 -2.73 -5.06
C LYS A 165 12.67 -1.36 -5.60
N ALA A 166 13.94 -0.99 -5.46
CA ALA A 166 14.51 0.16 -6.16
C ALA A 166 14.84 -0.28 -7.58
N LEU A 167 14.24 0.38 -8.57
CA LEU A 167 14.52 0.06 -9.97
C LEU A 167 15.94 0.43 -10.36
N ARG A 168 16.53 -0.37 -11.24
CA ARG A 168 17.86 -0.08 -11.78
C ARG A 168 17.82 1.19 -12.64
N ALA A 169 18.93 1.90 -12.68
CA ALA A 169 19.03 3.15 -13.47
C ALA A 169 18.70 2.99 -14.98
N ASP A 170 18.94 1.78 -15.51
CA ASP A 170 18.71 1.45 -16.93
C ASP A 170 17.42 0.65 -17.26
N GLU A 171 16.53 0.46 -16.30
CA GLU A 171 15.31 -0.33 -16.52
C GLU A 171 14.11 0.28 -15.82
N ASN A 172 12.96 0.21 -16.47
CA ASN A 172 11.69 0.69 -15.88
C ASN A 172 10.91 -0.39 -15.13
N TYR A 173 11.46 -1.60 -15.02
CA TYR A 173 10.79 -2.68 -14.30
C TYR A 173 11.75 -3.55 -13.51
N TYR A 174 11.20 -4.24 -12.51
CA TYR A 174 11.91 -5.27 -11.76
C TYR A 174 11.42 -6.62 -12.27
N LYS A 175 12.38 -7.50 -12.59
CA LYS A 175 12.12 -8.84 -13.09
C LYS A 175 12.33 -9.82 -11.94
N ALA A 176 11.26 -10.44 -11.47
CA ALA A 176 11.36 -11.45 -10.41
C ALA A 176 11.91 -12.75 -11.01
N GLN A 177 12.76 -13.43 -10.25
CA GLN A 177 13.40 -14.66 -10.69
C GLN A 177 12.47 -15.85 -10.56
N THR A 178 11.73 -15.89 -9.45
CA THR A 178 10.80 -16.98 -9.14
C THR A 178 9.45 -16.42 -8.65
N HIS A 179 8.38 -17.16 -8.92
CA HIS A 179 7.04 -16.85 -8.42
C HIS A 179 7.01 -17.15 -6.92
N GLY A 180 7.22 -16.13 -6.11
CA GLY A 180 7.12 -16.24 -4.66
C GLY A 180 5.68 -16.35 -4.18
N LYS A 181 5.48 -16.18 -2.87
CA LYS A 181 4.14 -16.13 -2.28
C LYS A 181 3.55 -14.77 -2.58
N TRP A 182 2.80 -14.68 -3.68
CA TRP A 182 2.36 -13.41 -4.24
C TRP A 182 0.86 -13.14 -4.01
N PRO A 183 0.49 -11.86 -3.74
CA PRO A 183 -0.92 -11.47 -3.66
C PRO A 183 -1.50 -11.30 -5.08
N VAL A 184 -1.78 -12.44 -5.70
CA VAL A 184 -2.11 -12.53 -7.14
C VAL A 184 -3.33 -11.69 -7.53
N LYS A 185 -4.31 -11.59 -6.65
CA LYS A 185 -5.51 -10.79 -6.92
C LYS A 185 -5.25 -9.29 -7.05
N TRP A 186 -4.08 -8.82 -6.62
CA TRP A 186 -3.68 -7.42 -6.79
C TRP A 186 -2.72 -7.19 -7.96
N TYR A 187 -2.26 -8.26 -8.60
CA TYR A 187 -1.19 -8.17 -9.61
C TYR A 187 -1.69 -8.03 -11.04
N ALA A 188 -1.00 -7.18 -11.80
CA ALA A 188 -1.31 -6.94 -13.20
C ALA A 188 -0.97 -8.16 -14.05
N PRO A 189 -1.54 -8.28 -15.27
CA PRO A 189 -1.26 -9.43 -16.14
C PRO A 189 0.24 -9.64 -16.42
N GLU A 190 0.98 -8.57 -16.67
CA GLU A 190 2.42 -8.67 -16.92
C GLU A 190 3.24 -9.20 -15.73
N CYS A 191 2.76 -9.01 -14.50
CA CYS A 191 3.37 -9.61 -13.31
C CYS A 191 3.19 -11.12 -13.30
N ILE A 192 1.98 -11.56 -13.64
CA ILE A 192 1.64 -12.97 -13.67
C ILE A 192 2.34 -13.66 -14.83
N ASN A 193 2.25 -13.07 -16.02
CA ASN A 193 2.74 -13.70 -17.25
C ASN A 193 4.24 -13.57 -17.50
N TYR A 194 4.83 -12.44 -17.13
CA TYR A 194 6.23 -12.15 -17.42
C TYR A 194 7.10 -11.87 -16.19
N TYR A 195 6.51 -11.90 -14.99
CA TYR A 195 7.22 -11.56 -13.73
C TYR A 195 7.84 -10.15 -13.73
N LYS A 196 7.21 -9.22 -14.43
CA LYS A 196 7.73 -7.86 -14.57
C LYS A 196 6.90 -6.89 -13.75
N PHE A 197 7.57 -6.11 -12.92
CA PHE A 197 6.90 -5.20 -11.99
C PHE A 197 7.40 -3.79 -12.21
N SER A 198 6.50 -2.89 -12.57
CA SER A 198 6.80 -1.48 -12.82
C SER A 198 5.85 -0.63 -12.00
N SER A 199 6.02 0.69 -12.09
CA SER A 199 5.07 1.60 -11.49
C SER A 199 3.67 1.39 -12.09
N LYS A 200 3.60 1.04 -13.39
CA LYS A 200 2.32 0.69 -14.03
C LYS A 200 1.65 -0.53 -13.40
N SER A 201 2.43 -1.53 -12.96
CA SER A 201 1.83 -2.65 -12.24
CA SER A 201 1.89 -2.67 -12.20
C SER A 201 1.29 -2.22 -10.88
N ASP A 202 1.98 -1.30 -10.20
CA ASP A 202 1.42 -0.69 -8.97
C ASP A 202 0.10 0.05 -9.25
N VAL A 203 -0.03 0.69 -10.43
CA VAL A 203 -1.29 1.32 -10.83
C VAL A 203 -2.44 0.30 -10.92
N TRP A 204 -2.18 -0.87 -11.50
CA TRP A 204 -3.19 -1.96 -11.52
C TRP A 204 -3.63 -2.29 -10.10
N SER A 205 -2.63 -2.48 -9.24
CA SER A 205 -2.89 -2.79 -7.82
CA SER A 205 -2.88 -2.80 -7.83
C SER A 205 -3.71 -1.69 -7.15
N PHE A 206 -3.41 -0.43 -7.46
CA PHE A 206 -4.15 0.72 -6.94
C PHE A 206 -5.64 0.69 -7.33
N GLY A 207 -5.95 0.18 -8.52
CA GLY A 207 -7.35 -0.03 -8.95
C GLY A 207 -8.08 -1.00 -8.05
N VAL A 208 -7.41 -2.10 -7.71
CA VAL A 208 -7.95 -3.10 -6.82
C VAL A 208 -8.15 -2.48 -5.42
N LEU A 209 -7.16 -1.71 -4.98
CA LEU A 209 -7.24 -0.99 -3.69
C LEU A 209 -8.43 -0.04 -3.64
N MET A 210 -8.62 0.74 -4.71
CA MET A 210 -9.83 1.55 -4.85
C MET A 210 -11.13 0.73 -4.76
N TRP A 211 -11.16 -0.42 -5.44
CA TRP A 211 -12.34 -1.28 -5.37
C TRP A 211 -12.59 -1.74 -3.92
N GLU A 212 -11.53 -2.14 -3.22
CA GLU A 212 -11.63 -2.56 -1.81
C GLU A 212 -12.18 -1.44 -0.94
N ALA A 213 -11.69 -0.23 -1.16
CA ALA A 213 -12.08 0.94 -0.37
C ALA A 213 -13.56 1.29 -0.53
N PHE A 214 -14.06 1.26 -1.76
CA PHE A 214 -15.47 1.55 -2.02
C PHE A 214 -16.39 0.37 -1.70
N SER A 215 -15.82 -0.82 -1.53
CA SER A 215 -16.56 -2.00 -1.07
C SER A 215 -16.39 -2.23 0.45
N TYR A 216 -15.98 -1.17 1.16
CA TYR A 216 -15.75 -1.17 2.60
C TYR A 216 -14.93 -2.36 3.12
N GLY A 217 -13.79 -2.57 2.48
CA GLY A 217 -12.82 -3.57 2.87
C GLY A 217 -13.17 -5.02 2.54
N GLN A 218 -14.13 -5.22 1.62
CA GLN A 218 -14.42 -6.55 1.11
C GLN A 218 -13.22 -7.05 0.28
N LYS A 219 -13.00 -8.37 0.28
CA LYS A 219 -11.91 -8.99 -0.47
C LYS A 219 -12.27 -8.95 -1.95
N PRO A 220 -11.30 -8.65 -2.83
CA PRO A 220 -11.57 -8.68 -4.28
C PRO A 220 -11.72 -10.11 -4.83
N TYR A 221 -12.48 -10.26 -5.92
CA TYR A 221 -12.68 -11.56 -6.58
C TYR A 221 -13.09 -12.64 -5.59
N ARG A 222 -14.10 -12.34 -4.77
CA ARG A 222 -14.46 -13.27 -3.69
C ARG A 222 -14.89 -14.64 -4.24
N GLY A 223 -14.44 -15.68 -3.53
CA GLY A 223 -14.73 -17.07 -3.90
C GLY A 223 -13.94 -17.62 -5.06
N MET A 224 -12.98 -16.86 -5.60
CA MET A 224 -12.27 -17.24 -6.81
C MET A 224 -10.83 -17.63 -6.50
N LYS A 225 -10.34 -18.70 -7.14
CA LYS A 225 -8.91 -19.03 -7.10
C LYS A 225 -8.15 -18.09 -8.04
N GLY A 226 -6.85 -17.94 -7.79
CA GLY A 226 -5.97 -17.14 -8.66
C GLY A 226 -6.12 -17.45 -10.13
N SER A 227 -6.14 -18.74 -10.48
CA SER A 227 -6.27 -19.16 -11.88
C SER A 227 -7.62 -18.82 -12.52
N GLU A 228 -8.67 -18.75 -11.70
CA GLU A 228 -9.98 -18.28 -12.15
C GLU A 228 -10.02 -16.75 -12.38
N VAL A 229 -9.26 -16.01 -11.57
CA VAL A 229 -9.08 -14.56 -11.79
C VAL A 229 -8.36 -14.31 -13.14
N THR A 230 -7.31 -15.09 -13.39
CA THR A 230 -6.59 -15.03 -14.68
C THR A 230 -7.52 -15.23 -15.86
N ALA A 231 -8.34 -16.28 -15.80
CA ALA A 231 -9.29 -16.58 -16.86
C ALA A 231 -10.29 -15.44 -17.07
N MET A 232 -10.81 -14.91 -15.96
CA MET A 232 -11.73 -13.77 -16.00
C MET A 232 -11.10 -12.56 -16.70
N LEU A 233 -9.89 -12.23 -16.29
CA LEU A 233 -9.18 -11.07 -16.85
C LEU A 233 -8.90 -11.24 -18.35
N GLU A 234 -8.54 -12.47 -18.77
CA GLU A 234 -8.33 -12.77 -20.19
C GLU A 234 -9.59 -12.79 -21.07
N LYS A 235 -10.77 -12.95 -20.45
CA LYS A 235 -12.04 -12.72 -21.14
C LYS A 235 -12.37 -11.23 -21.28
N GLY A 236 -11.51 -10.34 -20.77
CA GLY A 236 -11.79 -8.90 -20.72
C GLY A 236 -12.69 -8.48 -19.57
N GLU A 237 -13.03 -9.40 -18.66
CA GLU A 237 -13.96 -9.10 -17.58
C GLU A 237 -13.23 -8.43 -16.42
N ARG A 238 -13.95 -7.52 -15.75
CA ARG A 238 -13.44 -6.80 -14.58
C ARG A 238 -14.50 -6.82 -13.50
N MET A 239 -14.07 -6.66 -12.24
CA MET A 239 -15.01 -6.58 -11.12
C MET A 239 -16.02 -5.45 -11.35
N GLY A 240 -17.26 -5.70 -10.97
CA GLY A 240 -18.35 -4.72 -11.09
C GLY A 240 -18.23 -3.54 -10.16
N CYS A 241 -19.05 -2.52 -10.41
CA CYS A 241 -19.04 -1.29 -9.62
C CYS A 241 -19.60 -1.58 -8.24
N PRO A 242 -18.85 -1.25 -7.16
CA PRO A 242 -19.40 -1.47 -5.81
C PRO A 242 -20.66 -0.63 -5.54
N ALA A 243 -21.57 -1.19 -4.73
CA ALA A 243 -22.82 -0.49 -4.36
C ALA A 243 -22.51 0.90 -3.82
N GLY A 244 -23.11 1.92 -4.41
CA GLY A 244 -22.90 3.31 -3.98
C GLY A 244 -21.60 3.97 -4.43
N CYS A 245 -20.75 3.26 -5.17
CA CYS A 245 -19.49 3.85 -5.64
C CYS A 245 -19.79 4.83 -6.77
N PRO A 246 -19.26 6.08 -6.70
CA PRO A 246 -19.51 7.03 -7.79
C PRO A 246 -18.99 6.50 -9.13
N ARG A 247 -19.74 6.78 -10.20
CA ARG A 247 -19.38 6.30 -11.54
C ARG A 247 -17.96 6.75 -11.96
N GLU A 248 -17.61 7.99 -11.63
CA GLU A 248 -16.29 8.54 -11.98
C GLU A 248 -15.13 7.73 -11.37
N MET A 249 -15.33 7.25 -10.14
CA MET A 249 -14.33 6.44 -9.45
C MET A 249 -14.25 5.02 -10.01
N TYR A 250 -15.38 4.45 -10.41
CA TYR A 250 -15.36 3.14 -11.07
C TYR A 250 -14.68 3.22 -12.43
N ASP A 251 -14.96 4.30 -13.17
CA ASP A 251 -14.28 4.55 -14.46
C ASP A 251 -12.75 4.56 -14.26
N LEU A 252 -12.29 5.24 -13.22
CA LEU A 252 -10.85 5.27 -12.87
C LEU A 252 -10.27 3.90 -12.53
N MET A 253 -10.99 3.11 -11.72
CA MET A 253 -10.62 1.70 -11.46
C MET A 253 -10.39 0.92 -12.73
N ASN A 254 -11.36 1.00 -13.65
CA ASN A 254 -11.26 0.32 -14.94
C ASN A 254 -10.11 0.81 -15.80
N LEU A 255 -9.82 2.10 -15.76
CA LEU A 255 -8.64 2.64 -16.45
C LEU A 255 -7.33 2.08 -15.84
N CYS A 256 -7.28 1.95 -14.51
CA CYS A 256 -6.16 1.28 -13.83
C CYS A 256 -6.00 -0.17 -14.25
N TRP A 257 -7.12 -0.82 -14.56
CA TRP A 257 -7.12 -2.20 -15.02
C TRP A 257 -7.00 -2.33 -16.56
N THR A 258 -6.25 -1.42 -17.20
CA THR A 258 -5.97 -1.50 -18.63
C THR A 258 -4.97 -2.64 -18.84
N TYR A 259 -5.30 -3.59 -19.71
CA TYR A 259 -4.50 -4.80 -19.89
C TYR A 259 -3.10 -4.44 -20.37
N ASP A 260 -3.03 -3.69 -21.47
CA ASP A 260 -1.78 -3.29 -22.08
C ASP A 260 -1.04 -2.29 -21.18
N VAL A 261 0.13 -2.68 -20.72
CA VAL A 261 0.94 -1.86 -19.81
C VAL A 261 1.28 -0.46 -20.38
N GLU A 262 1.47 -0.37 -21.70
CA GLU A 262 1.82 0.92 -22.32
C GLU A 262 0.67 1.94 -22.33
N ASN A 263 -0.57 1.48 -22.51
CA ASN A 263 -1.74 2.36 -22.47
C ASN A 263 -2.32 2.62 -21.08
N ARG A 264 -1.92 1.82 -20.10
CA ARG A 264 -2.34 2.04 -18.70
C ARG A 264 -1.74 3.36 -18.21
N PRO A 265 -2.52 4.18 -17.48
CA PRO A 265 -1.95 5.43 -16.99
C PRO A 265 -0.91 5.23 -15.90
N GLY A 266 0.00 6.19 -15.77
CA GLY A 266 0.91 6.29 -14.63
C GLY A 266 0.23 7.02 -13.47
N PHE A 267 0.90 7.08 -12.33
CA PHE A 267 0.33 7.74 -11.14
C PHE A 267 0.20 9.26 -11.25
N ALA A 268 0.99 9.92 -12.09
CA ALA A 268 0.78 11.34 -12.36
C ALA A 268 -0.62 11.57 -12.94
N ALA A 269 -0.98 10.77 -13.93
CA ALA A 269 -2.31 10.86 -14.54
C ALA A 269 -3.42 10.45 -13.56
N VAL A 270 -3.19 9.39 -12.79
CA VAL A 270 -4.18 8.90 -11.81
C VAL A 270 -4.39 9.92 -10.70
N GLU A 271 -3.31 10.46 -10.14
CA GLU A 271 -3.39 11.46 -9.07
C GLU A 271 -4.14 12.72 -9.49
N LEU A 272 -3.93 13.18 -10.73
CA LEU A 272 -4.61 14.37 -11.25
C LEU A 272 -6.12 14.15 -11.43
N ARG A 273 -6.50 13.02 -12.02
CA ARG A 273 -7.92 12.60 -12.09
C ARG A 273 -8.61 12.61 -10.71
N LEU A 274 -7.97 11.98 -9.74
CA LEU A 274 -8.51 11.92 -8.37
C LEU A 274 -8.61 13.29 -7.70
N ARG A 275 -7.56 14.09 -7.87
CA ARG A 275 -7.48 15.42 -7.30
C ARG A 275 -8.63 16.27 -7.80
N ASN A 276 -8.83 16.27 -9.12
CA ASN A 276 -9.88 17.05 -9.76
C ASN A 276 -11.28 16.58 -9.38
N TYR A 277 -11.49 15.26 -9.31
CA TYR A 277 -12.79 14.73 -8.86
C TYR A 277 -13.05 15.04 -7.39
N TYR A 278 -12.03 14.93 -6.56
CA TYR A 278 -12.15 15.26 -5.15
C TYR A 278 -12.57 16.72 -4.94
N TYR A 279 -11.92 17.64 -5.64
CA TYR A 279 -12.31 19.06 -5.58
C TYR A 279 -13.73 19.31 -6.11
N ASP A 280 -14.16 18.53 -7.10
CA ASP A 280 -15.56 18.57 -7.56
C ASP A 280 -16.56 18.16 -6.47
N VAL A 281 -16.23 17.09 -5.75
CA VAL A 281 -17.09 16.60 -4.67
C VAL A 281 -17.09 17.59 -3.51
N VAL A 282 -15.93 18.17 -3.19
CA VAL A 282 -15.81 19.21 -2.16
C VAL A 282 -16.68 20.43 -2.50
N ASN A 283 -16.69 20.83 -3.77
CA ASN A 283 -17.59 21.91 -4.25
C ASN A 283 -19.06 21.53 -4.11
N HIS A 284 -19.41 20.32 -4.56
CA HIS A 284 -20.80 19.83 -4.53
C HIS A 284 -21.38 19.80 -3.11
N HIS A 285 -20.56 19.35 -2.14
CA HIS A 285 -20.98 19.28 -0.74
C HIS A 285 -21.16 20.66 -0.08
N HIS A 286 -20.44 21.68 -0.56
CA HIS A 286 -20.71 23.07 -0.18
C HIS A 286 -22.03 23.56 -0.79
N HIS A 287 -22.31 23.16 -2.03
CA HIS A 287 -23.62 23.40 -2.65
C HIS A 287 -24.68 22.51 -2.00
#